data_3DFZ
#
_entry.id   3DFZ
#
_cell.length_a   108.595
_cell.length_b   108.595
_cell.length_c   201.028
_cell.angle_alpha   90.00
_cell.angle_beta   90.00
_cell.angle_gamma   120.00
#
_symmetry.space_group_name_H-M   'H 3 2'
#
loop_
_entity.id
_entity.type
_entity.pdbx_description
1 polymer 'Precorrin-2 dehydrogenase'
2 non-polymer 'SULFATE ION'
3 non-polymer GLYCEROL
4 water water
#
_entity_poly.entity_id   1
_entity_poly.type   'polypeptide(L)'
_entity_poly.pdbx_seq_one_letter_code
;MGHHHHHHHHHHSSGHIEGRHMYTVMLDLKGRSVLVVGGGTIATRRIKGFLQEGAAITVVAPTVSAEINEWEAKGQLRVK
RKKVGEEDLLNVFFIVVATNDQAVNKFVKQHIKNDQLVNMASSFSDGNIQIPAQFSRGRLSLAISTDGASPLLTKRIKED
LSSNYDESYTQYTQFLYECRVLIHRLNVSKSRKHELLTEIIDDQYRLSLVKQREFLQQIEKYK
;
_entity_poly.pdbx_strand_id   A,B
#
loop_
_chem_comp.id
_chem_comp.type
_chem_comp.name
_chem_comp.formula
GOL non-polymer GLYCEROL 'C3 H8 O3'
SO4 non-polymer 'SULFATE ION' 'O4 S -2'
#
# COMPACT_ATOMS: atom_id res chain seq x y z
N MET A 22 2.62 -8.92 -3.07
CA MET A 22 2.36 -9.05 -4.54
C MET A 22 2.58 -7.72 -5.27
N TYR A 23 1.53 -6.88 -5.30
CA TYR A 23 1.63 -5.54 -5.86
C TYR A 23 1.11 -4.48 -4.88
N THR A 24 2.06 -3.84 -4.18
CA THR A 24 1.81 -2.80 -3.17
C THR A 24 1.57 -1.42 -3.77
N VAL A 25 0.49 -0.78 -3.35
CA VAL A 25 0.18 0.58 -3.79
C VAL A 25 -0.36 1.41 -2.63
N MET A 26 -0.35 2.72 -2.81
CA MET A 26 -1.07 3.64 -1.94
C MET A 26 -2.41 3.95 -2.60
N LEU A 27 -3.49 3.81 -1.82
CA LEU A 27 -4.87 3.93 -2.29
C LEU A 27 -5.53 5.08 -1.56
N ASP A 28 -6.07 6.01 -2.33
CA ASP A 28 -6.72 7.20 -1.81
C ASP A 28 -8.14 6.88 -1.34
N LEU A 29 -8.33 6.86 -0.03
CA LEU A 29 -9.66 6.61 0.55
C LEU A 29 -10.29 7.89 1.11
N LYS A 30 -9.52 8.98 1.04
CA LYS A 30 -9.90 10.28 1.60
C LYS A 30 -11.21 10.76 1.00
N GLY A 31 -12.25 10.71 1.84
CA GLY A 31 -13.58 11.14 1.44
C GLY A 31 -14.43 10.12 0.72
N ARG A 32 -13.90 8.89 0.60
CA ARG A 32 -14.51 7.82 -0.17
C ARG A 32 -15.36 6.89 0.68
N SER A 33 -16.27 6.21 0.03
CA SER A 33 -17.20 5.28 0.66
C SER A 33 -16.58 3.91 1.01
N VAL A 34 -16.55 3.56 2.29
CA VAL A 34 -16.12 2.23 2.72
C VAL A 34 -17.22 1.38 3.45
N LEU A 35 -17.55 0.24 2.89
CA LEU A 35 -18.48 -0.68 3.54
C LEU A 35 -17.79 -1.88 4.15
N VAL A 36 -18.04 -2.10 5.43
CA VAL A 36 -17.53 -3.27 6.12
C VAL A 36 -18.66 -4.29 6.38
N VAL A 37 -18.54 -5.47 5.76
CA VAL A 37 -19.55 -6.52 5.91
C VAL A 37 -19.12 -7.50 6.99
N GLY A 38 -19.69 -7.34 8.17
CA GLY A 38 -19.25 -8.11 9.33
C GLY A 38 -19.08 -7.20 10.53
N GLY A 39 -18.94 -7.80 11.71
CA GLY A 39 -19.04 -7.04 12.95
C GLY A 39 -18.30 -7.69 14.09
N GLY A 40 -17.64 -8.81 13.82
CA GLY A 40 -16.81 -9.52 14.82
C GLY A 40 -15.43 -8.94 14.94
N THR A 41 -14.46 -9.80 15.25
CA THR A 41 -13.11 -9.36 15.60
C THR A 41 -12.24 -8.90 14.41
N ILE A 42 -12.33 -9.61 13.29
CA ILE A 42 -11.70 -9.17 12.03
C ILE A 42 -12.26 -7.79 11.60
N ALA A 43 -13.59 -7.67 11.58
CA ALA A 43 -14.24 -6.41 11.23
C ALA A 43 -13.72 -5.25 12.06
N THR A 44 -13.63 -5.46 13.37
CA THR A 44 -13.17 -4.47 14.33
C THR A 44 -11.71 -4.04 14.00
N ARG A 45 -10.87 -5.02 13.70
CA ARG A 45 -9.47 -4.82 13.30
C ARG A 45 -9.34 -3.99 12.03
N ARG A 46 -10.09 -4.37 11.00
CA ARG A 46 -10.10 -3.64 9.73
C ARG A 46 -10.42 -2.17 9.90
N ILE A 47 -11.50 -1.88 10.61
CA ILE A 47 -11.93 -0.51 10.88
C ILE A 47 -10.88 0.29 11.68
N LYS A 48 -10.32 -0.33 12.72
CA LYS A 48 -9.27 0.32 13.49
C LYS A 48 -8.19 0.79 12.52
N GLY A 49 -7.81 -0.12 11.62
CA GLY A 49 -6.81 0.12 10.59
C GLY A 49 -7.02 1.38 9.79
N PHE A 50 -8.22 1.55 9.19
CA PHE A 50 -8.44 2.69 8.29
C PHE A 50 -9.30 3.87 8.81
N LEU A 51 -9.51 3.93 10.12
CA LEU A 51 -10.16 5.11 10.74
C LEU A 51 -9.53 6.47 10.42
N GLN A 52 -8.20 6.59 10.48
CA GLN A 52 -7.53 7.88 10.19
C GLN A 52 -7.66 8.37 8.74
N GLU A 53 -8.22 7.55 7.85
CA GLU A 53 -8.00 7.68 6.39
C GLU A 53 -8.92 8.57 5.54
N GLY A 54 -9.82 9.33 6.17
CA GLY A 54 -10.75 10.16 5.39
C GLY A 54 -12.14 9.57 5.26
N ALA A 55 -12.31 8.39 5.86
CA ALA A 55 -13.59 7.76 6.27
C ALA A 55 -14.76 7.60 5.29
N ALA A 56 -15.96 7.81 5.83
CA ALA A 56 -17.26 7.37 5.29
C ALA A 56 -17.47 5.87 5.43
N ILE A 57 -17.40 5.42 6.67
CA ILE A 57 -17.50 4.01 7.04
C ILE A 57 -18.93 3.57 7.43
N THR A 58 -19.40 2.49 6.79
CA THR A 58 -20.66 1.86 7.12
C THR A 58 -20.36 0.41 7.42
N VAL A 59 -20.92 -0.09 8.51
CA VAL A 59 -20.82 -1.49 8.88
C VAL A 59 -22.20 -2.16 8.78
N VAL A 60 -22.27 -3.28 8.07
CA VAL A 60 -23.49 -4.08 7.94
C VAL A 60 -23.29 -5.49 8.51
N ALA A 61 -23.93 -5.77 9.65
CA ALA A 61 -24.02 -7.11 10.23
C ALA A 61 -25.23 -7.22 11.17
N PRO A 62 -25.74 -8.45 11.41
CA PRO A 62 -26.82 -8.65 12.39
C PRO A 62 -26.43 -8.12 13.78
N THR A 63 -25.28 -8.55 14.27
CA THR A 63 -24.68 -8.05 15.49
C THR A 63 -23.30 -7.45 15.15
N VAL A 64 -22.90 -6.41 15.91
CA VAL A 64 -21.50 -5.91 15.93
C VAL A 64 -20.86 -6.00 17.34
N SER A 65 -19.58 -5.60 17.43
CA SER A 65 -18.81 -5.72 18.66
C SER A 65 -18.93 -4.48 19.55
N ALA A 66 -18.50 -4.62 20.81
CA ALA A 66 -18.47 -3.49 21.75
C ALA A 66 -17.72 -2.30 21.16
N GLU A 67 -16.58 -2.59 20.53
CA GLU A 67 -15.74 -1.57 19.90
C GLU A 67 -16.42 -0.85 18.75
N ILE A 68 -17.10 -1.62 17.89
CA ILE A 68 -17.84 -0.98 16.79
C ILE A 68 -18.98 -0.13 17.36
N ASN A 69 -19.64 -0.68 18.38
CA ASN A 69 -20.68 0.05 19.11
C ASN A 69 -20.14 1.36 19.68
N GLU A 70 -18.98 1.31 20.36
CA GLU A 70 -18.38 2.54 20.91
CA GLU A 70 -18.40 2.53 20.90
C GLU A 70 -18.12 3.55 19.79
N TRP A 71 -17.58 3.09 18.65
CA TRP A 71 -17.33 3.98 17.47
C TRP A 71 -18.62 4.56 16.86
N GLU A 72 -19.64 3.70 16.73
CA GLU A 72 -20.96 4.13 16.27
C GLU A 72 -21.47 5.27 17.15
N ALA A 73 -21.37 5.07 18.47
CA ALA A 73 -21.84 6.05 19.46
C ALA A 73 -21.06 7.37 19.46
N LYS A 74 -19.80 7.35 19.01
CA LYS A 74 -19.00 8.59 18.93
C LYS A 74 -19.12 9.35 17.60
N GLY A 75 -19.96 8.85 16.70
CA GLY A 75 -20.14 9.48 15.38
C GLY A 75 -19.06 9.15 14.37
N GLN A 76 -18.33 8.06 14.61
CA GLN A 76 -17.19 7.70 13.77
C GLN A 76 -17.58 6.77 12.62
N LEU A 77 -18.66 6.00 12.83
CA LEU A 77 -19.16 4.96 11.92
C LEU A 77 -20.70 4.95 11.90
N ARG A 78 -21.26 4.46 10.79
CA ARG A 78 -22.67 4.09 10.73
C ARG A 78 -22.82 2.57 10.75
N VAL A 79 -23.80 2.05 11.49
CA VAL A 79 -24.11 0.62 11.47
C VAL A 79 -25.49 0.36 10.85
N LYS A 80 -25.63 -0.82 10.21
CA LYS A 80 -26.91 -1.32 9.78
C LYS A 80 -26.99 -2.75 10.26
N ARG A 81 -27.80 -2.99 11.29
CA ARG A 81 -27.99 -4.35 11.82
C ARG A 81 -28.98 -5.11 10.94
N LYS A 82 -28.44 -5.66 9.85
CA LYS A 82 -29.23 -6.37 8.85
C LYS A 82 -28.42 -7.51 8.28
N LYS A 83 -29.11 -8.37 7.54
CA LYS A 83 -28.51 -9.19 6.50
C LYS A 83 -28.25 -8.25 5.31
N VAL A 84 -26.99 -8.24 4.85
CA VAL A 84 -26.55 -7.45 3.69
C VAL A 84 -27.41 -7.79 2.46
N GLY A 85 -27.84 -6.78 1.71
CA GLY A 85 -28.51 -7.01 0.43
C GLY A 85 -27.93 -6.16 -0.68
N GLU A 86 -28.39 -6.37 -1.91
CA GLU A 86 -27.86 -5.62 -3.06
C GLU A 86 -27.97 -4.09 -2.90
N GLU A 87 -28.86 -3.66 -2.02
CA GLU A 87 -29.09 -2.25 -1.76
C GLU A 87 -27.92 -1.65 -0.97
N ASP A 88 -27.15 -2.50 -0.29
CA ASP A 88 -25.97 -2.08 0.49
C ASP A 88 -24.70 -1.92 -0.36
N LEU A 89 -24.70 -2.52 -1.55
CA LEU A 89 -23.51 -2.65 -2.41
C LEU A 89 -23.45 -1.65 -3.55
N LEU A 90 -24.19 -0.54 -3.43
CA LEU A 90 -24.31 0.46 -4.50
C LEU A 90 -23.28 1.54 -4.32
N ASN A 91 -22.57 1.85 -5.41
CA ASN A 91 -21.58 2.94 -5.44
C ASN A 91 -20.63 2.99 -4.25
N VAL A 92 -20.19 1.84 -3.77
CA VAL A 92 -19.19 1.77 -2.69
C VAL A 92 -17.78 1.66 -3.29
N PHE A 93 -16.89 2.57 -2.91
CA PHE A 93 -15.55 2.63 -3.48
C PHE A 93 -14.80 1.37 -3.10
N PHE A 94 -14.87 1.02 -1.81
CA PHE A 94 -14.11 -0.05 -1.25
C PHE A 94 -15.00 -0.85 -0.30
N ILE A 95 -15.12 -2.16 -0.54
CA ILE A 95 -15.90 -3.07 0.30
C ILE A 95 -15.00 -4.04 1.04
N VAL A 96 -15.17 -4.14 2.35
CA VAL A 96 -14.46 -5.08 3.18
C VAL A 96 -15.41 -6.18 3.69
N VAL A 97 -15.21 -7.41 3.23
CA VAL A 97 -16.00 -8.54 3.72
C VAL A 97 -15.23 -9.22 4.85
N ALA A 98 -15.45 -8.71 6.07
CA ALA A 98 -14.74 -9.20 7.24
C ALA A 98 -15.25 -10.57 7.70
N THR A 99 -16.55 -10.79 7.59
CA THR A 99 -17.20 -12.02 8.04
C THR A 99 -16.69 -13.30 7.36
N ASN A 100 -16.85 -14.42 8.04
CA ASN A 100 -16.51 -15.74 7.53
C ASN A 100 -17.70 -16.47 6.93
N ASP A 101 -18.88 -15.84 7.01
CA ASP A 101 -20.18 -16.53 6.92
C ASP A 101 -20.61 -17.13 5.56
N GLN A 102 -19.62 -17.50 4.73
CA GLN A 102 -19.83 -18.43 3.61
C GLN A 102 -20.93 -17.99 2.61
N ALA A 103 -22.16 -17.84 3.11
CA ALA A 103 -23.29 -17.37 2.33
C ALA A 103 -23.21 -15.87 2.10
N VAL A 104 -22.80 -15.12 3.12
CA VAL A 104 -22.59 -13.68 2.99
C VAL A 104 -21.46 -13.41 1.98
N ASN A 105 -20.32 -14.08 2.15
CA ASN A 105 -19.20 -14.00 1.21
C ASN A 105 -19.60 -14.30 -0.23
N LYS A 106 -20.37 -15.37 -0.40
CA LYS A 106 -20.90 -15.74 -1.72
C LYS A 106 -21.81 -14.65 -2.29
N PHE A 107 -22.79 -14.21 -1.50
CA PHE A 107 -23.71 -13.15 -1.89
C PHE A 107 -22.98 -11.90 -2.39
N VAL A 108 -22.02 -11.40 -1.61
CA VAL A 108 -21.32 -10.15 -1.93
C VAL A 108 -20.63 -10.31 -3.28
N LYS A 109 -19.85 -11.41 -3.39
CA LYS A 109 -19.13 -11.81 -4.61
C LYS A 109 -20.03 -11.91 -5.85
N GLN A 110 -21.25 -12.41 -5.66
CA GLN A 110 -22.21 -12.53 -6.77
C GLN A 110 -22.88 -11.20 -7.14
N HIS A 111 -22.83 -10.20 -6.26
CA HIS A 111 -23.58 -8.95 -6.46
C HIS A 111 -22.78 -7.67 -6.64
N ILE A 112 -21.46 -7.81 -6.72
CA ILE A 112 -20.62 -6.65 -6.98
C ILE A 112 -20.28 -6.62 -8.47
N LYS A 113 -19.97 -5.42 -8.96
CA LYS A 113 -19.47 -5.23 -10.31
C LYS A 113 -18.04 -5.81 -10.49
N ASN A 114 -17.60 -5.89 -11.75
CA ASN A 114 -16.28 -6.42 -12.09
C ASN A 114 -15.14 -5.67 -11.45
N ASP A 115 -15.22 -4.34 -11.41
CA ASP A 115 -14.08 -3.51 -11.01
C ASP A 115 -14.17 -3.04 -9.57
N GLN A 116 -15.13 -3.61 -8.85
CA GLN A 116 -15.28 -3.38 -7.43
C GLN A 116 -14.00 -3.75 -6.62
N LEU A 117 -13.43 -2.76 -5.94
CA LEU A 117 -12.42 -3.00 -4.92
C LEU A 117 -13.06 -3.70 -3.73
N VAL A 118 -12.55 -4.88 -3.43
CA VAL A 118 -13.03 -5.75 -2.36
C VAL A 118 -11.91 -6.52 -1.69
N ASN A 119 -11.86 -6.39 -0.38
CA ASN A 119 -11.02 -7.16 0.49
C ASN A 119 -11.86 -8.33 1.02
N MET A 120 -11.43 -9.56 0.73
CA MET A 120 -12.13 -10.75 1.21
C MET A 120 -11.24 -11.68 2.04
N ASP A 126 -11.33 -15.16 -3.13
CA ASP A 126 -10.91 -14.12 -4.08
C ASP A 126 -10.74 -12.76 -3.41
N GLY A 127 -11.39 -11.73 -3.97
CA GLY A 127 -11.08 -10.36 -3.60
C GLY A 127 -9.81 -9.89 -4.29
N ASN A 128 -9.60 -8.58 -4.34
CA ASN A 128 -8.47 -8.02 -5.06
C ASN A 128 -7.66 -7.02 -4.21
N ILE A 129 -7.97 -6.96 -2.91
CA ILE A 129 -7.28 -6.10 -1.93
C ILE A 129 -6.88 -6.90 -0.71
N GLN A 130 -5.58 -6.93 -0.43
CA GLN A 130 -5.02 -7.39 0.85
C GLN A 130 -4.60 -6.14 1.64
N ILE A 131 -4.76 -6.16 2.95
CA ILE A 131 -4.31 -5.03 3.78
C ILE A 131 -3.10 -5.45 4.62
N PRO A 132 -1.93 -4.87 4.31
CA PRO A 132 -0.73 -5.17 5.08
C PRO A 132 -0.70 -4.43 6.46
N ALA A 133 0.02 -4.97 7.44
CA ALA A 133 0.37 -4.17 8.63
C ALA A 133 1.04 -2.84 8.22
N GLN A 134 0.61 -1.74 8.83
CA GLN A 134 1.14 -0.41 8.49
C GLN A 134 0.87 0.56 9.61
N PHE A 135 1.49 1.74 9.56
CA PHE A 135 1.05 2.86 10.37
C PHE A 135 1.37 4.15 9.62
N SER A 136 0.76 5.26 10.03
CA SER A 136 1.06 6.51 9.42
C SER A 136 1.33 7.59 10.46
N ARG A 137 2.02 8.64 10.01
CA ARG A 137 2.22 9.88 10.74
C ARG A 137 1.85 10.98 9.77
N GLY A 138 0.56 11.29 9.67
CA GLY A 138 0.08 12.19 8.63
C GLY A 138 0.34 11.62 7.25
N ARG A 139 1.04 12.38 6.41
CA ARG A 139 1.40 11.95 5.07
C ARG A 139 2.46 10.81 5.02
N LEU A 140 3.26 10.65 6.09
CA LEU A 140 4.18 9.49 6.17
C LEU A 140 3.44 8.19 6.46
N SER A 141 3.75 7.15 5.69
CA SER A 141 3.24 5.81 6.02
C SER A 141 4.31 4.78 5.83
N LEU A 142 4.32 3.80 6.73
CA LEU A 142 5.17 2.64 6.58
C LEU A 142 4.32 1.39 6.72
N ALA A 143 4.44 0.50 5.73
CA ALA A 143 3.76 -0.77 5.70
C ALA A 143 4.80 -1.88 5.64
N ILE A 144 4.46 -2.99 6.30
CA ILE A 144 5.38 -4.11 6.47
C ILE A 144 4.69 -5.41 6.06
N SER A 145 5.36 -6.23 5.27
CA SER A 145 4.88 -7.62 5.07
C SER A 145 6.00 -8.61 4.93
N THR A 146 5.65 -9.89 5.12
CA THR A 146 6.56 -11.00 4.86
C THR A 146 5.90 -11.99 3.92
N ASP A 147 4.89 -11.54 3.14
CA ASP A 147 4.03 -12.41 2.30
C ASP A 147 3.50 -13.62 3.09
N GLY A 148 2.99 -13.33 4.29
CA GLY A 148 2.39 -14.32 5.19
C GLY A 148 3.33 -15.33 5.83
N ALA A 149 4.64 -15.21 5.57
CA ALA A 149 5.65 -16.08 6.21
C ALA A 149 5.71 -15.84 7.73
N SER A 150 5.69 -14.59 8.16
CA SER A 150 5.69 -14.30 9.58
C SER A 150 4.90 -13.05 9.94
N PRO A 151 3.57 -13.19 10.10
CA PRO A 151 2.82 -12.02 10.56
C PRO A 151 3.32 -11.58 11.93
N LEU A 152 3.86 -12.52 12.69
CA LEU A 152 4.40 -12.18 14.02
C LEU A 152 5.71 -11.32 13.98
N LEU A 153 6.59 -11.58 13.00
CA LEU A 153 7.68 -10.67 12.70
C LEU A 153 7.20 -9.29 12.27
N THR A 154 6.19 -9.29 11.40
CA THR A 154 5.59 -8.06 10.89
C THR A 154 5.05 -7.18 12.03
N LYS A 155 4.39 -7.81 12.99
CA LYS A 155 3.92 -7.16 14.21
C LYS A 155 5.08 -6.54 15.01
N ARG A 156 6.18 -7.28 15.15
CA ARG A 156 7.35 -6.77 15.88
C ARG A 156 8.04 -5.59 15.17
N ILE A 157 8.22 -5.72 13.86
CA ILE A 157 8.78 -4.65 13.05
C ILE A 157 7.91 -3.42 13.07
N LYS A 158 6.59 -3.59 12.98
CA LYS A 158 5.65 -2.46 13.14
C LYS A 158 5.84 -1.70 14.45
N GLU A 159 5.91 -2.44 15.56
CA GLU A 159 6.18 -1.85 16.88
C GLU A 159 7.52 -1.08 16.85
N ASP A 160 8.58 -1.75 16.41
CA ASP A 160 9.90 -1.10 16.40
C ASP A 160 9.88 0.16 15.56
N LEU A 161 9.22 0.13 14.40
CA LEU A 161 9.19 1.31 13.51
C LEU A 161 8.33 2.45 14.02
N SER A 162 7.27 2.11 14.77
CA SER A 162 6.37 3.10 15.37
C SER A 162 7.06 3.87 16.48
N SER A 163 7.91 3.14 17.19
CA SER A 163 8.76 3.71 18.21
C SER A 163 9.73 4.72 17.55
N ASN A 164 10.37 4.30 16.46
CA ASN A 164 11.39 5.11 15.81
C ASN A 164 10.86 6.27 14.99
N TYR A 165 9.63 6.17 14.53
CA TYR A 165 8.99 7.29 13.78
C TYR A 165 7.75 7.74 14.54
N ASP A 166 7.90 8.84 15.30
CA ASP A 166 6.88 9.28 16.22
C ASP A 166 6.04 10.39 15.59
N GLU A 167 5.19 11.04 16.39
N GLU A 167 5.22 11.05 16.41
CA GLU A 167 4.21 12.02 15.88
CA GLU A 167 4.22 12.02 15.95
C GLU A 167 4.81 13.32 15.36
C GLU A 167 4.81 13.31 15.38
N SER A 168 6.10 13.55 15.63
CA SER A 168 6.81 14.70 15.09
C SER A 168 6.82 14.71 13.55
N TYR A 169 6.77 13.51 12.96
CA TYR A 169 6.73 13.31 11.53
C TYR A 169 5.37 13.68 10.91
N THR A 170 4.31 13.79 11.72
CA THR A 170 3.00 14.25 11.23
C THR A 170 3.06 15.71 10.84
N GLN A 171 3.47 16.60 11.75
CA GLN A 171 3.48 17.98 11.32
C GLN A 171 4.68 18.32 10.45
N TYR A 172 5.73 17.52 10.51
CA TYR A 172 6.88 17.77 9.66
C TYR A 172 6.54 17.48 8.19
N THR A 173 5.90 16.33 7.91
CA THR A 173 5.55 15.93 6.54
C THR A 173 4.45 16.80 5.96
N GLN A 174 3.57 17.34 6.80
CA GLN A 174 2.65 18.43 6.43
C GLN A 174 3.39 19.71 6.03
N PHE A 175 4.39 20.12 6.82
CA PHE A 175 5.30 21.21 6.42
C PHE A 175 6.00 20.92 5.08
N LEU A 176 6.49 19.69 4.89
CA LEU A 176 7.19 19.34 3.67
C LEU A 176 6.26 19.49 2.46
N TYR A 177 5.02 18.99 2.63
CA TYR A 177 3.99 19.01 1.61
C TYR A 177 3.64 20.42 1.18
N GLU A 178 3.49 21.31 2.15
CA GLU A 178 3.25 22.72 1.84
C GLU A 178 4.42 23.31 1.06
N CYS A 179 5.65 22.95 1.46
CA CYS A 179 6.84 23.45 0.80
C CYS A 179 6.92 22.96 -0.66
N ARG A 180 6.59 21.69 -0.90
CA ARG A 180 6.60 21.12 -2.24
C ARG A 180 5.62 21.86 -3.17
N VAL A 181 4.39 22.07 -2.70
CA VAL A 181 3.39 22.81 -3.49
C VAL A 181 3.86 24.24 -3.76
N LEU A 182 4.27 24.94 -2.70
CA LEU A 182 4.77 26.31 -2.83
C LEU A 182 6.00 26.44 -3.76
N ILE A 183 6.96 25.55 -3.64
CA ILE A 183 8.13 25.61 -4.50
C ILE A 183 7.72 25.30 -5.97
N HIS A 184 6.95 24.25 -6.17
CA HIS A 184 6.41 23.93 -7.49
C HIS A 184 5.82 25.18 -8.17
N ARG A 185 5.05 25.98 -7.43
CA ARG A 185 4.37 27.17 -7.96
C ARG A 185 5.28 28.36 -8.22
N LEU A 186 6.45 28.36 -7.59
CA LEU A 186 7.43 29.42 -7.78
C LEU A 186 7.84 29.61 -9.24
N ASN A 187 8.04 30.86 -9.62
CA ASN A 187 8.55 31.20 -10.95
C ASN A 187 10.00 31.61 -10.73
N VAL A 188 10.79 30.59 -10.41
CA VAL A 188 12.15 30.69 -9.91
C VAL A 188 12.85 29.51 -10.58
N SER A 189 14.16 29.62 -10.80
CA SER A 189 14.85 28.61 -11.59
C SER A 189 14.84 27.19 -11.03
N LYS A 190 14.99 26.21 -11.92
CA LYS A 190 15.12 24.80 -11.57
C LYS A 190 16.23 24.62 -10.53
N SER A 191 17.32 25.35 -10.70
CA SER A 191 18.51 25.27 -9.84
C SER A 191 18.15 25.63 -8.40
N ARG A 192 17.41 26.72 -8.26
CA ARG A 192 16.97 27.19 -6.95
C ARG A 192 15.91 26.31 -6.32
N LYS A 193 14.96 25.82 -7.13
CA LYS A 193 13.89 24.95 -6.66
C LYS A 193 14.47 23.71 -5.99
N HIS A 194 15.47 23.12 -6.65
CA HIS A 194 16.13 21.90 -6.18
C HIS A 194 16.90 22.16 -4.87
N GLU A 195 17.47 23.36 -4.78
CA GLU A 195 18.16 23.83 -3.60
C GLU A 195 17.19 23.88 -2.43
N LEU A 196 16.02 24.49 -2.67
CA LEU A 196 15.00 24.64 -1.62
C LEU A 196 14.41 23.29 -1.19
N LEU A 197 14.25 22.39 -2.15
CA LEU A 197 13.74 21.04 -1.85
C LEU A 197 14.72 20.12 -1.06
N THR A 198 16.01 20.22 -1.37
CA THR A 198 17.05 19.51 -0.64
C THR A 198 17.23 20.04 0.80
N GLU A 199 17.16 21.35 0.95
CA GLU A 199 17.47 22.05 2.21
C GLU A 199 16.67 21.52 3.40
N ILE A 200 15.38 21.29 3.15
CA ILE A 200 14.37 21.03 4.20
C ILE A 200 14.34 19.57 4.70
N ILE A 201 15.32 18.77 4.24
CA ILE A 201 15.39 17.38 4.63
C ILE A 201 16.55 17.20 5.60
N ASP A 202 16.31 17.52 6.86
CA ASP A 202 17.17 17.11 7.96
C ASP A 202 16.40 17.28 9.28
N ASP A 203 16.97 16.75 10.38
CA ASP A 203 16.31 16.78 11.70
C ASP A 203 15.92 18.20 12.16
N GLN A 204 16.72 19.18 11.77
CA GLN A 204 16.51 20.54 12.23
C GLN A 204 15.23 21.13 11.65
N TYR A 205 14.88 20.75 10.41
CA TYR A 205 13.56 21.12 9.88
C TYR A 205 12.40 20.36 10.53
N ARG A 206 12.65 19.11 10.92
CA ARG A 206 11.61 18.32 11.60
C ARG A 206 11.34 18.80 13.04
N LEU A 207 12.40 19.30 13.69
CA LEU A 207 12.36 19.49 15.14
C LEU A 207 12.59 20.94 15.55
N SER A 208 12.56 21.83 14.57
CA SER A 208 12.64 23.25 14.81
C SER A 208 11.57 24.08 14.08
N LEU A 209 10.68 24.72 14.84
CA LEU A 209 9.62 25.54 14.25
C LEU A 209 10.13 26.87 13.70
N VAL A 210 11.12 27.46 14.35
CA VAL A 210 11.83 28.65 13.84
C VAL A 210 12.39 28.36 12.43
N LYS A 211 13.07 27.24 12.32
CA LYS A 211 13.72 26.82 11.10
C LYS A 211 12.68 26.77 9.99
N GLN A 212 11.54 26.10 10.26
CA GLN A 212 10.42 25.97 9.34
C GLN A 212 9.82 27.32 8.98
N ARG A 213 9.46 28.09 10.01
CA ARG A 213 8.77 29.34 9.81
C ARG A 213 9.58 30.37 9.03
N GLU A 214 10.90 30.42 9.30
CA GLU A 214 11.83 31.27 8.55
C GLU A 214 12.02 30.82 7.10
N PHE A 215 12.02 29.51 6.88
CA PHE A 215 12.09 29.01 5.52
C PHE A 215 10.83 29.44 4.75
N LEU A 216 9.67 29.30 5.39
CA LEU A 216 8.41 29.74 4.79
C LEU A 216 8.35 31.25 4.48
N GLN A 217 8.97 32.05 5.35
CA GLN A 217 9.11 33.50 5.14
C GLN A 217 9.96 33.75 3.91
N GLN A 218 11.08 33.05 3.83
CA GLN A 218 11.96 33.15 2.67
C GLN A 218 11.23 32.89 1.33
N ILE A 219 10.50 31.77 1.21
CA ILE A 219 9.94 31.38 -0.10
C ILE A 219 8.68 32.17 -0.48
N GLU A 220 8.13 32.89 0.50
CA GLU A 220 6.90 33.66 0.35
C GLU A 220 7.24 34.93 -0.40
N LYS A 221 8.51 35.31 -0.28
CA LYS A 221 9.00 36.56 -0.81
C LYS A 221 9.31 36.46 -2.30
N TYR A 222 9.48 35.22 -2.77
CA TYR A 222 9.74 34.95 -4.18
C TYR A 222 8.47 35.07 -5.05
N MET B 22 -2.73 8.65 1.54
CA MET B 22 -3.36 7.42 0.96
C MET B 22 -3.12 6.21 1.89
N TYR B 23 -3.75 5.09 1.60
CA TYR B 23 -3.71 3.93 2.50
C TYR B 23 -2.94 2.86 1.78
N THR B 24 -2.20 2.02 2.51
CA THR B 24 -1.40 1.00 1.86
C THR B 24 -2.18 -0.31 1.71
N VAL B 25 -2.12 -0.87 0.51
CA VAL B 25 -2.80 -2.11 0.20
C VAL B 25 -2.00 -2.89 -0.83
N MET B 26 -2.23 -4.20 -0.84
CA MET B 26 -1.74 -5.06 -1.92
C MET B 26 -2.87 -5.23 -2.91
N LEU B 27 -2.62 -4.86 -4.14
CA LEU B 27 -3.59 -4.99 -5.20
C LEU B 27 -3.34 -6.32 -5.94
N ASP B 28 -4.36 -7.17 -5.98
CA ASP B 28 -4.32 -8.39 -6.81
C ASP B 28 -4.84 -8.13 -8.23
N LEU B 29 -3.88 -8.02 -9.15
CA LEU B 29 -4.09 -7.83 -10.58
C LEU B 29 -4.21 -9.12 -11.42
N LYS B 30 -4.08 -10.29 -10.82
CA LYS B 30 -4.29 -11.57 -11.54
C LYS B 30 -5.61 -11.64 -12.34
N GLY B 31 -5.51 -11.78 -13.65
CA GLY B 31 -6.73 -11.85 -14.47
C GLY B 31 -7.51 -10.53 -14.54
N ARG B 32 -6.83 -9.41 -14.32
CA ARG B 32 -7.40 -8.07 -14.56
C ARG B 32 -6.66 -7.39 -15.69
N SER B 33 -7.39 -6.60 -16.45
CA SER B 33 -6.80 -5.78 -17.49
C SER B 33 -6.04 -4.60 -16.90
N VAL B 34 -4.82 -4.38 -17.43
CA VAL B 34 -3.95 -3.25 -17.05
C VAL B 34 -3.48 -2.44 -18.27
N LEU B 35 -3.79 -1.15 -18.31
CA LEU B 35 -3.31 -0.27 -19.38
C LEU B 35 -2.16 0.60 -18.92
N VAL B 36 -1.02 0.46 -19.58
CA VAL B 36 0.09 1.38 -19.39
C VAL B 36 0.12 2.34 -20.58
N VAL B 37 -0.20 3.59 -20.29
CA VAL B 37 -0.08 4.68 -21.23
C VAL B 37 1.32 5.26 -21.11
N GLY B 38 2.07 5.13 -22.21
CA GLY B 38 3.48 5.53 -22.28
C GLY B 38 4.37 4.32 -22.49
N GLY B 39 5.58 4.56 -22.97
CA GLY B 39 6.54 3.48 -23.26
C GLY B 39 8.01 3.84 -23.08
N GLY B 40 8.30 4.77 -22.18
CA GLY B 40 9.66 5.23 -21.95
C GLY B 40 10.31 4.51 -20.77
N THR B 41 11.00 5.29 -19.94
CA THR B 41 11.72 4.80 -18.76
C THR B 41 10.78 4.60 -17.57
N ILE B 42 9.90 5.57 -17.34
CA ILE B 42 8.90 5.48 -16.27
C ILE B 42 7.88 4.31 -16.50
N ALA B 43 7.39 4.15 -17.74
CA ALA B 43 6.48 3.04 -18.09
C ALA B 43 7.13 1.68 -17.88
N THR B 44 8.38 1.56 -18.30
CA THR B 44 9.17 0.34 -18.15
C THR B 44 9.32 -0.05 -16.67
N ARG B 45 9.72 0.92 -15.85
CA ARG B 45 9.91 0.72 -14.43
C ARG B 45 8.60 0.27 -13.77
N ARG B 46 7.50 0.96 -14.11
CA ARG B 46 6.18 0.59 -13.59
C ARG B 46 5.75 -0.85 -13.93
N ILE B 47 5.90 -1.24 -15.20
CA ILE B 47 5.54 -2.59 -15.71
C ILE B 47 6.32 -3.69 -15.02
N LYS B 48 7.63 -3.51 -14.87
CA LYS B 48 8.46 -4.41 -14.06
C LYS B 48 7.76 -4.82 -12.78
N GLY B 49 7.16 -3.86 -12.09
CA GLY B 49 6.45 -4.06 -10.82
C GLY B 49 5.32 -5.06 -10.86
N PHE B 50 4.61 -5.14 -11.98
CA PHE B 50 3.45 -6.05 -12.05
C PHE B 50 3.48 -7.11 -13.18
N LEU B 51 4.68 -7.33 -13.72
CA LEU B 51 4.88 -8.25 -14.83
C LEU B 51 4.66 -9.74 -14.45
N GLN B 52 4.95 -10.09 -13.20
CA GLN B 52 4.74 -11.43 -12.69
CA GLN B 52 4.73 -11.44 -12.73
C GLN B 52 3.42 -11.57 -11.93
N GLU B 53 2.45 -10.69 -12.21
CA GLU B 53 1.21 -10.63 -11.41
C GLU B 53 -0.04 -11.29 -12.03
N GLY B 54 0.08 -11.79 -13.26
CA GLY B 54 -1.01 -12.51 -13.91
C GLY B 54 -2.04 -11.60 -14.54
N ALA B 55 -1.64 -10.37 -14.79
CA ALA B 55 -2.56 -9.42 -15.40
C ALA B 55 -2.54 -9.62 -16.92
N ALA B 56 -3.54 -9.07 -17.61
CA ALA B 56 -3.39 -8.85 -19.03
C ALA B 56 -2.94 -7.39 -19.25
N ILE B 57 -1.63 -7.20 -19.48
CA ILE B 57 -1.04 -5.87 -19.71
C ILE B 57 -1.10 -5.43 -21.17
N THR B 58 -1.67 -4.25 -21.41
CA THR B 58 -1.59 -3.61 -22.72
C THR B 58 -0.85 -2.30 -22.58
N VAL B 59 0.20 -2.11 -23.40
CA VAL B 59 1.03 -0.91 -23.37
C VAL B 59 0.73 -0.09 -24.62
N VAL B 60 0.33 1.17 -24.44
CA VAL B 60 -0.06 2.06 -25.54
C VAL B 60 0.87 3.27 -25.58
N ALA B 61 1.73 3.29 -26.60
CA ALA B 61 2.60 4.42 -26.94
C ALA B 61 3.08 4.25 -28.40
N PRO B 62 3.27 5.39 -29.14
CA PRO B 62 3.71 5.28 -30.56
C PRO B 62 5.02 4.52 -30.68
N THR B 63 5.88 4.65 -29.66
CA THR B 63 7.11 3.88 -29.55
C THR B 63 7.27 3.37 -28.10
N VAL B 64 8.00 2.28 -27.98
CA VAL B 64 8.13 1.50 -26.76
C VAL B 64 9.61 1.07 -26.58
N SER B 65 10.04 0.85 -25.34
CA SER B 65 11.46 0.57 -25.06
C SER B 65 11.89 -0.87 -25.41
N ALA B 66 13.21 -1.06 -25.55
CA ALA B 66 13.81 -2.36 -25.85
C ALA B 66 13.39 -3.49 -24.89
N GLU B 67 13.11 -3.11 -23.64
CA GLU B 67 12.69 -4.03 -22.60
C GLU B 67 11.19 -4.36 -22.71
N ILE B 68 10.35 -3.36 -22.97
CA ILE B 68 8.96 -3.62 -23.30
C ILE B 68 8.86 -4.54 -24.55
N ASN B 69 9.66 -4.24 -25.58
CA ASN B 69 9.77 -5.10 -26.75
C ASN B 69 10.11 -6.55 -26.43
N GLU B 70 11.10 -6.75 -25.57
CA GLU B 70 11.50 -8.09 -25.13
C GLU B 70 10.39 -8.82 -24.36
N TRP B 71 9.69 -8.07 -23.51
CA TRP B 71 8.53 -8.59 -22.77
C TRP B 71 7.35 -8.92 -23.72
N GLU B 72 7.12 -8.07 -24.70
CA GLU B 72 6.15 -8.35 -25.76
C GLU B 72 6.53 -9.63 -26.53
N ALA B 73 7.80 -9.73 -26.92
CA ALA B 73 8.31 -10.88 -27.64
C ALA B 73 8.33 -12.14 -26.80
N LYS B 74 8.37 -11.97 -25.48
CA LYS B 74 8.30 -13.08 -24.54
C LYS B 74 6.84 -13.45 -24.22
N GLY B 75 5.90 -12.65 -24.73
CA GLY B 75 4.45 -12.88 -24.57
C GLY B 75 4.02 -12.70 -23.13
N GLN B 76 4.33 -11.53 -22.57
CA GLN B 76 3.98 -11.19 -21.18
C GLN B 76 3.05 -9.99 -21.17
N LEU B 77 3.06 -9.27 -22.27
CA LEU B 77 2.18 -8.12 -22.43
C LEU B 77 1.85 -7.94 -23.90
N ARG B 78 0.84 -7.11 -24.18
CA ARG B 78 0.53 -6.64 -25.53
C ARG B 78 0.87 -5.14 -25.73
N VAL B 79 1.39 -4.81 -26.91
CA VAL B 79 1.71 -3.44 -27.29
C VAL B 79 0.75 -2.91 -28.38
N LYS B 80 0.31 -1.67 -28.20
CA LYS B 80 -0.52 -0.92 -29.15
C LYS B 80 0.36 0.26 -29.58
N ARG B 81 0.88 0.21 -30.81
CA ARG B 81 1.88 1.19 -31.27
C ARG B 81 1.26 2.41 -31.91
N LYS B 82 0.83 3.32 -31.06
CA LYS B 82 0.08 4.50 -31.44
C LYS B 82 -0.09 5.35 -30.16
N LYS B 83 -0.64 6.56 -30.32
CA LYS B 83 -1.00 7.36 -29.17
C LYS B 83 -2.37 6.88 -28.71
N VAL B 84 -2.64 7.09 -27.42
CA VAL B 84 -3.88 6.69 -26.76
C VAL B 84 -5.09 7.46 -27.27
N GLY B 85 -6.22 6.76 -27.37
CA GLY B 85 -7.48 7.35 -27.79
C GLY B 85 -8.54 6.97 -26.80
N GLU B 86 -9.77 7.43 -27.03
CA GLU B 86 -10.86 7.22 -26.07
C GLU B 86 -11.12 5.75 -25.80
N GLU B 87 -10.99 4.95 -26.86
CA GLU B 87 -11.36 3.54 -26.85
C GLU B 87 -10.52 2.73 -25.86
N ASP B 88 -9.25 3.11 -25.74
CA ASP B 88 -8.27 2.40 -24.91
C ASP B 88 -8.56 2.42 -23.41
N LEU B 89 -9.53 3.22 -22.98
CA LEU B 89 -9.72 3.50 -21.56
C LEU B 89 -11.03 2.96 -21.02
N LEU B 90 -11.75 2.20 -21.85
CA LEU B 90 -13.13 1.82 -21.55
C LEU B 90 -13.32 0.65 -20.58
N ASN B 91 -12.61 -0.45 -20.82
CA ASN B 91 -12.79 -1.65 -20.01
C ASN B 91 -11.49 -2.05 -19.35
N VAL B 92 -10.85 -1.07 -18.70
CA VAL B 92 -9.54 -1.26 -18.06
C VAL B 92 -9.66 -1.09 -16.55
N PHE B 93 -9.32 -2.15 -15.83
CA PHE B 93 -9.29 -2.13 -14.37
C PHE B 93 -8.25 -1.12 -13.77
N PHE B 94 -6.99 -1.21 -14.19
CA PHE B 94 -5.92 -0.37 -13.64
C PHE B 94 -5.19 0.36 -14.75
N ILE B 95 -5.16 1.69 -14.66
CA ILE B 95 -4.48 2.52 -15.64
C ILE B 95 -3.25 3.15 -15.02
N VAL B 96 -2.10 2.95 -15.64
CA VAL B 96 -0.88 3.65 -15.27
C VAL B 96 -0.60 4.67 -16.39
N VAL B 97 -0.47 5.95 -16.03
CA VAL B 97 -0.08 7.00 -16.97
C VAL B 97 1.39 7.30 -16.72
N ALA B 98 2.24 6.99 -17.69
CA ALA B 98 3.68 7.12 -17.53
C ALA B 98 4.28 7.65 -18.83
N THR B 99 3.65 8.71 -19.36
CA THR B 99 4.13 9.39 -20.55
C THR B 99 4.88 10.71 -20.21
N ASN B 100 5.04 11.58 -21.22
CA ASN B 100 5.61 12.93 -21.08
C ASN B 100 4.83 14.04 -21.81
N ASP B 101 3.95 13.64 -22.74
CA ASP B 101 3.08 14.60 -23.42
C ASP B 101 1.92 14.93 -22.50
N GLN B 102 1.79 16.22 -22.17
CA GLN B 102 0.80 16.68 -21.20
C GLN B 102 -0.64 16.48 -21.67
N ALA B 103 -0.85 16.46 -23.00
CA ALA B 103 -2.18 16.27 -23.59
C ALA B 103 -2.68 14.82 -23.40
N VAL B 104 -1.77 13.85 -23.54
CA VAL B 104 -2.08 12.46 -23.20
C VAL B 104 -2.52 12.37 -21.73
N ASN B 105 -1.61 12.75 -20.82
CA ASN B 105 -1.90 12.94 -19.38
C ASN B 105 -3.29 13.51 -19.12
N LYS B 106 -3.59 14.64 -19.75
CA LYS B 106 -4.87 15.36 -19.54
C LYS B 106 -6.04 14.56 -20.07
N PHE B 107 -5.87 14.04 -21.29
CA PHE B 107 -6.87 13.23 -21.98
C PHE B 107 -7.28 12.04 -21.11
N VAL B 108 -6.28 11.26 -20.69
CA VAL B 108 -6.50 10.18 -19.71
C VAL B 108 -7.24 10.78 -18.52
N LYS B 109 -6.65 11.81 -17.91
CA LYS B 109 -7.29 12.56 -16.82
C LYS B 109 -8.60 13.18 -17.31
N ILE B 112 -11.36 9.84 -18.18
CA ILE B 112 -11.71 8.62 -17.45
C ILE B 112 -12.76 8.94 -16.41
N LYS B 113 -13.43 7.89 -15.92
CA LYS B 113 -14.40 8.01 -14.86
C LYS B 113 -13.74 8.16 -13.48
N ASN B 114 -14.53 8.57 -12.49
CA ASN B 114 -14.17 8.41 -11.08
C ASN B 114 -14.39 6.93 -10.75
N ASP B 115 -14.02 6.52 -9.54
CA ASP B 115 -13.96 5.09 -9.19
C ASP B 115 -12.92 4.33 -10.06
N GLN B 116 -12.37 4.98 -11.10
CA GLN B 116 -11.33 4.41 -11.98
C GLN B 116 -9.93 4.42 -11.36
N LEU B 117 -9.40 3.24 -11.05
CA LEU B 117 -8.02 3.16 -10.57
C LEU B 117 -7.08 3.70 -11.61
N VAL B 118 -6.28 4.67 -11.20
CA VAL B 118 -5.30 5.28 -12.06
C VAL B 118 -4.10 5.76 -11.27
N ASN B 119 -2.92 5.46 -11.79
CA ASN B 119 -1.69 5.97 -11.26
C ASN B 119 -1.16 7.03 -12.22
N MET B 120 -1.07 8.25 -11.73
CA MET B 120 -0.55 9.33 -12.56
C MET B 120 0.90 9.47 -12.19
N ALA B 121 1.71 8.59 -12.77
CA ALA B 121 3.12 8.43 -12.41
C ALA B 121 3.90 9.69 -12.74
N SER B 122 3.53 10.31 -13.86
CA SER B 122 4.25 11.45 -14.42
C SER B 122 3.85 12.76 -13.74
N SER B 123 3.36 12.67 -12.51
CA SER B 123 3.08 13.83 -11.64
C SER B 123 2.22 14.89 -12.37
N PHE B 124 2.14 16.13 -11.86
CA PHE B 124 2.54 16.50 -10.50
C PHE B 124 1.40 16.09 -9.56
N SER B 125 0.18 16.36 -10.02
CA SER B 125 -1.06 15.94 -9.37
C SER B 125 -1.15 14.41 -9.37
N ASP B 126 -1.95 13.90 -8.43
CA ASP B 126 -2.10 12.45 -8.23
C ASP B 126 -3.32 11.88 -8.94
N GLY B 127 -3.31 10.56 -9.10
CA GLY B 127 -4.53 9.82 -9.41
C GLY B 127 -5.04 9.38 -8.07
N ASN B 128 -5.70 8.23 -8.01
CA ASN B 128 -6.07 7.65 -6.73
C ASN B 128 -5.13 6.51 -6.33
N ILE B 129 -4.12 6.26 -7.16
CA ILE B 129 -3.09 5.26 -6.90
C ILE B 129 -1.71 5.93 -6.88
N GLN B 130 -0.96 5.67 -5.81
CA GLN B 130 0.45 6.06 -5.72
C GLN B 130 1.28 4.80 -5.56
N ILE B 131 2.49 4.81 -6.09
CA ILE B 131 3.43 3.73 -5.86
C ILE B 131 4.50 4.12 -4.83
N PRO B 132 4.50 3.44 -3.66
CA PRO B 132 5.43 3.75 -2.56
C PRO B 132 6.89 3.35 -2.91
N ALA B 133 7.89 3.86 -2.20
CA ALA B 133 9.22 3.28 -2.34
C ALA B 133 9.17 1.94 -1.64
N GLN B 134 9.94 0.97 -2.12
CA GLN B 134 9.93 -0.34 -1.50
C GLN B 134 11.33 -0.87 -1.52
N PHE B 135 11.66 -1.65 -0.51
CA PHE B 135 12.80 -2.57 -0.62
C PHE B 135 12.41 -3.85 0.02
N SER B 136 13.16 -4.88 -0.31
CA SER B 136 12.85 -6.21 0.11
C SER B 136 14.10 -6.74 0.80
N ARG B 137 13.91 -7.57 1.82
CA ARG B 137 14.98 -8.49 2.29
C ARG B 137 14.44 -9.90 2.23
N GLY B 138 14.63 -10.56 1.10
CA GLY B 138 14.00 -11.86 0.85
C GLY B 138 12.51 -11.65 0.81
N ARG B 139 11.81 -12.41 1.64
CA ARG B 139 10.37 -12.26 1.78
C ARG B 139 9.94 -10.99 2.55
N LEU B 140 10.86 -10.34 3.25
CA LEU B 140 10.45 -9.14 3.99
C LEU B 140 10.33 -8.05 2.98
N SER B 141 9.23 -7.34 3.07
CA SER B 141 9.03 -6.22 2.24
C SER B 141 8.59 -5.01 3.06
N LEU B 142 9.22 -3.86 2.80
CA LEU B 142 8.85 -2.58 3.40
C LEU B 142 8.44 -1.59 2.31
N ALA B 143 7.32 -0.90 2.53
CA ALA B 143 6.88 0.15 1.63
C ALA B 143 6.83 1.47 2.39
N ILE B 144 7.36 2.52 1.77
CA ILE B 144 7.45 3.83 2.39
C ILE B 144 6.83 4.89 1.49
N SER B 145 6.00 5.75 2.06
CA SER B 145 5.44 6.86 1.31
C SER B 145 5.38 8.11 2.16
N THR B 146 5.44 9.27 1.51
CA THR B 146 5.17 10.53 2.17
C THR B 146 4.06 11.26 1.40
N ASP B 147 3.28 10.49 0.63
CA ASP B 147 2.15 11.04 -0.14
C ASP B 147 2.67 12.10 -1.10
N GLY B 148 3.85 11.85 -1.64
CA GLY B 148 4.51 12.84 -2.51
C GLY B 148 4.92 14.17 -1.87
N ALA B 149 4.80 14.30 -0.54
CA ALA B 149 5.27 15.49 0.17
C ALA B 149 6.76 15.79 -0.10
N SER B 150 7.56 14.73 -0.16
CA SER B 150 8.99 14.87 -0.33
C SER B 150 9.61 13.56 -0.79
N PRO B 151 9.82 13.41 -2.11
CA PRO B 151 10.54 12.26 -2.67
C PRO B 151 11.92 12.06 -2.05
N LEU B 152 12.56 13.14 -1.63
CA LEU B 152 13.87 13.10 -0.99
C LEU B 152 13.86 12.53 0.45
N LEU B 153 12.86 12.93 1.25
CA LEU B 153 12.64 12.28 2.54
C LEU B 153 12.37 10.77 2.39
N THR B 154 11.50 10.39 1.48
CA THR B 154 11.17 8.99 1.18
C THR B 154 12.42 8.17 0.86
N LYS B 155 13.26 8.72 0.00
CA LYS B 155 14.56 8.12 -0.29
C LYS B 155 15.44 8.04 0.95
N ARG B 156 15.57 9.15 1.69
CA ARG B 156 16.31 9.10 2.96
C ARG B 156 15.86 7.97 3.92
N ILE B 157 14.54 7.88 4.15
CA ILE B 157 13.98 6.90 5.05
C ILE B 157 14.22 5.47 4.58
N LYS B 158 14.07 5.23 3.28
CA LYS B 158 14.36 3.95 2.66
C LYS B 158 15.82 3.52 2.85
N GLU B 159 16.74 4.46 2.69
CA GLU B 159 18.15 4.28 3.07
C GLU B 159 18.36 4.03 4.57
N ASP B 160 17.65 4.78 5.42
CA ASP B 160 17.75 4.57 6.86
C ASP B 160 17.20 3.18 7.25
N LEU B 161 16.09 2.75 6.66
CA LEU B 161 15.54 1.42 6.89
C LEU B 161 16.36 0.28 6.29
N SER B 162 16.97 0.54 5.14
CA SER B 162 17.93 -0.38 4.54
C SER B 162 19.11 -0.69 5.45
N SER B 163 19.65 0.37 6.07
CA SER B 163 20.67 0.31 7.11
C SER B 163 20.27 -0.63 8.26
N ASN B 164 19.15 -0.32 8.94
CA ASN B 164 18.64 -1.12 10.08
C ASN B 164 18.22 -2.56 9.82
N TYR B 165 17.66 -2.78 8.63
CA TYR B 165 17.24 -4.10 8.21
C TYR B 165 18.16 -4.46 7.03
N ASP B 166 19.24 -5.18 7.34
CA ASP B 166 20.18 -5.58 6.30
C ASP B 166 19.91 -7.02 5.84
N GLU B 167 20.90 -7.61 5.16
CA GLU B 167 20.80 -8.94 4.58
C GLU B 167 20.57 -10.07 5.57
N SER B 168 20.77 -9.83 6.87
CA SER B 168 20.36 -10.79 7.88
C SER B 168 18.87 -11.10 7.80
N TYR B 169 18.04 -10.11 7.44
CA TYR B 169 16.59 -10.37 7.32
C TYR B 169 16.25 -11.25 6.10
N THR B 170 17.12 -11.25 5.10
CA THR B 170 16.89 -12.07 3.91
C THR B 170 16.97 -13.56 4.26
N GLN B 171 18.02 -13.95 4.97
CA GLN B 171 18.20 -15.31 5.45
C GLN B 171 17.15 -15.72 6.53
N TYR B 172 16.84 -14.77 7.40
CA TYR B 172 15.92 -14.99 8.52
C TYR B 172 14.48 -15.27 8.08
N THR B 173 13.99 -14.52 7.09
CA THR B 173 12.61 -14.77 6.65
C THR B 173 12.52 -16.07 5.88
N GLN B 174 13.67 -16.55 5.39
CA GLN B 174 13.75 -17.88 4.80
C GLN B 174 13.63 -18.95 5.89
N PHE B 175 14.37 -18.78 6.99
CA PHE B 175 14.16 -19.62 8.19
C PHE B 175 12.69 -19.58 8.64
N LEU B 176 12.15 -18.38 8.78
CA LEU B 176 10.77 -18.24 9.27
C LEU B 176 9.76 -18.88 8.37
N TYR B 177 10.01 -18.83 7.07
CA TYR B 177 9.11 -19.43 6.07
C TYR B 177 9.06 -20.95 6.23
N GLU B 178 10.24 -21.58 6.27
CA GLU B 178 10.34 -23.02 6.52
C GLU B 178 9.66 -23.42 7.84
N CYS B 179 9.87 -22.66 8.91
CA CYS B 179 9.16 -22.93 10.17
C CYS B 179 7.65 -22.89 9.99
N ARG B 180 7.12 -21.88 9.30
CA ARG B 180 5.68 -21.73 9.04
C ARG B 180 5.12 -22.98 8.34
N VAL B 181 5.78 -23.39 7.26
CA VAL B 181 5.48 -24.62 6.51
C VAL B 181 5.41 -25.83 7.45
N LEU B 182 6.47 -26.05 8.21
CA LEU B 182 6.54 -27.23 9.08
C LEU B 182 5.55 -27.20 10.23
N ILE B 183 5.20 -26.02 10.71
CA ILE B 183 4.31 -25.86 11.86
C ILE B 183 2.83 -26.01 11.44
N HIS B 184 2.52 -25.58 10.22
CA HIS B 184 1.18 -25.64 9.65
C HIS B 184 0.65 -27.08 9.51
N ARG B 185 1.55 -28.01 9.25
CA ARG B 185 1.17 -29.41 9.02
C ARG B 185 1.63 -30.31 10.19
N LEU B 186 1.76 -29.72 11.36
CA LEU B 186 1.96 -30.46 12.60
C LEU B 186 0.60 -30.91 13.15
N ASN B 187 0.57 -32.12 13.69
CA ASN B 187 -0.65 -32.64 14.27
C ASN B 187 -0.67 -32.32 15.76
N VAL B 188 -0.66 -31.02 16.02
CA VAL B 188 -0.61 -30.43 17.34
C VAL B 188 -1.65 -29.30 17.33
N SER B 189 -2.05 -28.82 18.51
CA SER B 189 -3.13 -27.82 18.63
C SER B 189 -2.83 -26.46 18.01
N LYS B 190 -3.90 -25.70 17.75
CA LYS B 190 -3.80 -24.32 17.25
C LYS B 190 -2.99 -23.42 18.19
N SER B 191 -3.21 -23.59 19.49
CA SER B 191 -2.54 -22.77 20.49
C SER B 191 -1.07 -23.16 20.61
N ARG B 192 -0.76 -24.43 20.36
CA ARG B 192 0.64 -24.85 20.30
C ARG B 192 1.35 -24.25 19.07
N LYS B 193 0.66 -24.22 17.93
CA LYS B 193 1.19 -23.64 16.70
C LYS B 193 1.57 -22.18 16.89
N HIS B 194 0.70 -21.43 17.56
CA HIS B 194 0.88 -20.00 17.81
CA HIS B 194 0.93 -19.99 17.76
C HIS B 194 2.10 -19.73 18.70
N GLU B 195 2.24 -20.55 19.73
CA GLU B 195 3.30 -20.44 20.70
C GLU B 195 4.64 -20.62 19.98
N LEU B 196 4.69 -21.64 19.13
CA LEU B 196 5.87 -21.96 18.33
C LEU B 196 6.24 -20.83 17.37
N LEU B 197 5.26 -20.37 16.60
CA LEU B 197 5.48 -19.25 15.67
C LEU B 197 5.82 -17.90 16.35
N THR B 198 5.41 -17.73 17.61
CA THR B 198 5.78 -16.55 18.44
C THR B 198 7.21 -16.64 18.92
N GLU B 199 7.58 -17.84 19.35
CA GLU B 199 8.85 -18.17 20.01
C GLU B 199 10.07 -17.68 19.22
N ILE B 200 9.95 -17.75 17.90
CA ILE B 200 11.05 -17.61 16.99
C ILE B 200 11.22 -16.18 16.49
N ILE B 201 10.48 -15.24 17.10
CA ILE B 201 10.61 -13.81 16.81
C ILE B 201 11.44 -13.10 17.90
N ASP B 202 12.75 -13.10 17.74
CA ASP B 202 13.66 -12.19 18.44
C ASP B 202 15.00 -12.02 17.67
N ASP B 203 15.90 -11.16 18.17
CA ASP B 203 17.20 -10.89 17.52
C ASP B 203 18.11 -12.11 17.44
N GLN B 204 18.05 -12.95 18.46
CA GLN B 204 18.90 -14.15 18.52
C GLN B 204 18.51 -15.25 17.52
N TYR B 205 17.22 -15.39 17.21
CA TYR B 205 16.79 -16.32 16.16
C TYR B 205 17.28 -15.86 14.82
N ARG B 206 17.28 -14.55 14.61
CA ARG B 206 17.80 -13.95 13.37
C ARG B 206 19.32 -14.13 13.20
N LEU B 207 20.07 -14.10 14.29
CA LEU B 207 21.52 -13.84 14.26
C LEU B 207 22.30 -15.01 14.80
N SER B 208 21.57 -16.08 15.13
CA SER B 208 22.17 -17.35 15.49
C SER B 208 21.65 -18.50 14.64
N LEU B 209 22.56 -19.12 13.88
CA LEU B 209 22.21 -20.25 13.01
C LEU B 209 22.05 -21.55 13.81
N VAL B 210 22.72 -21.65 14.96
CA VAL B 210 22.53 -22.76 15.88
C VAL B 210 21.09 -22.75 16.37
N LYS B 211 20.67 -21.62 16.92
CA LYS B 211 19.32 -21.41 17.43
C LYS B 211 18.30 -21.86 16.38
N GLN B 212 18.50 -21.37 15.15
CA GLN B 212 17.61 -21.67 14.05
C GLN B 212 17.56 -23.19 13.82
N ARG B 213 18.72 -23.79 13.57
CA ARG B 213 18.84 -25.21 13.27
C ARG B 213 18.31 -26.15 14.33
N GLU B 214 18.61 -25.86 15.58
CA GLU B 214 18.07 -26.63 16.71
C GLU B 214 16.55 -26.54 16.85
N PHE B 215 15.97 -25.41 16.44
CA PHE B 215 14.51 -25.25 16.44
C PHE B 215 13.86 -26.06 15.33
N LEU B 216 14.49 -26.05 14.14
CA LEU B 216 14.05 -26.89 13.02
C LEU B 216 14.04 -28.36 13.42
N GLN B 217 15.11 -28.82 14.06
CA GLN B 217 15.22 -30.19 14.56
C GLN B 217 14.11 -30.48 15.59
N GLN B 218 13.83 -29.50 16.43
CA GLN B 218 12.83 -29.64 17.49
C GLN B 218 11.41 -29.88 16.96
N ILE B 219 11.01 -29.07 15.97
CA ILE B 219 9.67 -29.20 15.37
C ILE B 219 9.56 -30.41 14.44
N GLU B 220 10.60 -31.23 14.39
CA GLU B 220 10.57 -32.48 13.62
C GLU B 220 9.85 -33.57 14.39
N LYS B 221 10.16 -33.67 15.69
CA LYS B 221 9.56 -34.64 16.63
C LYS B 221 8.01 -34.68 16.67
N TYR B 222 7.38 -33.54 16.39
CA TYR B 222 5.92 -33.43 16.44
C TYR B 222 5.24 -34.00 15.18
S SO4 C . 2.48 -10.76 6.90
O1 SO4 C . 1.57 -11.86 7.21
O2 SO4 C . 3.62 -10.78 7.80
O3 SO4 C . 2.95 -10.85 5.53
O4 SO4 C . 1.68 -9.56 7.10
S SO4 D . -17.31 7.69 -2.95
O1 SO4 D . -17.11 8.85 -3.83
O2 SO4 D . -17.61 8.15 -1.61
O3 SO4 D . -18.41 6.87 -3.47
O4 SO4 D . -16.10 6.88 -2.92
S SO4 E . -6.60 -10.89 9.07
O1 SO4 E . -6.03 -11.73 10.13
O2 SO4 E . -6.90 -11.69 7.88
O3 SO4 E . -7.85 -10.32 9.53
O4 SO4 E . -5.62 -9.84 8.74
S SO4 F . 13.03 25.62 17.95
O1 SO4 F . 13.43 24.24 17.87
O2 SO4 F . 13.93 26.43 17.11
O3 SO4 F . 11.64 25.73 17.47
O4 SO4 F . 13.11 26.06 19.35
S SO4 G . -0.28 22.81 -8.71
O1 SO4 G . -1.56 23.34 -8.27
O2 SO4 G . -0.40 21.40 -9.08
O3 SO4 G . 0.15 23.58 -9.89
O4 SO4 G . 0.67 22.94 -7.62
S SO4 H . 25.62 -18.87 15.99
O1 SO4 H . 24.80 -19.36 17.09
O2 SO4 H . 24.97 -19.09 14.72
O3 SO4 H . 25.86 -17.44 16.17
O4 SO4 H . 26.92 -19.54 16.02
C1 GOL I . -10.99 -7.37 -16.81
O1 GOL I . -10.32 -6.92 -15.65
C2 GOL I . -11.91 -6.31 -17.39
O2 GOL I . -11.64 -5.04 -16.82
C3 GOL I . -13.38 -6.70 -17.18
O3 GOL I . -13.85 -7.55 -18.23
#